data_9IOM
#
_entry.id   9IOM
#
_cell.length_a   89.215
_cell.length_b   89.215
_cell.length_c   81.090
_cell.angle_alpha   90.00
_cell.angle_beta   90.00
_cell.angle_gamma   120.00
#
_symmetry.space_group_name_H-M   'P 32 2 1'
#
loop_
_entity.id
_entity.type
_entity.pdbx_description
1 polymer 'cUMP-AMP-activated phospholipase'
2 water water
#
_entity_poly.entity_id   1
_entity_poly.type   'polypeptide(L)'
_entity_poly.pdbx_seq_one_letter_code
;MTYSVSPSSLLTEYGNDNICRVLALDGGGAKGFYTLGVLKEIEAMLGCPLYKRFDLVFGTSTGAIIAALIALGYEVDQIH
ALYTEHVPRVMSSRSAAARTMALQDLAKEVFQDKTFEDVLMGIGIVATRWMTERPMIFKGNVVQAHGRKGTFSPGFGVSI
ADAVQASCSAYPFFERKVIVTAAGDKVELIDGGYCANNPTLFAIADATVALKKDHKDIRVINVGVGIYPEPKPGLLMRIA
KKWLAVQLLQKTLEINTQSMDQLRDILFKDIPTIRISDTFERPEMATDLLEYNLDKLNTLRQRGRESFGAREAQLREFLI
;
_entity_poly.pdbx_strand_id   A
#
# COMPACT_ATOMS: atom_id res chain seq x y z
N SER A 8 -0.54 18.99 -17.34
CA SER A 8 0.55 18.03 -17.30
C SER A 8 0.70 17.30 -18.63
N SER A 9 1.69 16.41 -18.70
CA SER A 9 1.96 15.65 -19.91
C SER A 9 1.01 14.47 -20.12
N LEU A 10 0.24 14.08 -19.09
CA LEU A 10 -0.59 12.89 -19.15
C LEU A 10 -1.98 13.24 -19.68
N LEU A 11 -2.06 13.40 -21.00
CA LEU A 11 -3.29 13.88 -21.63
C LEU A 11 -4.09 12.79 -22.31
N THR A 12 -3.66 11.54 -22.24
CA THR A 12 -4.41 10.48 -22.91
C THR A 12 -5.72 10.22 -22.19
N GLU A 13 -6.77 10.01 -22.97
CA GLU A 13 -8.12 9.79 -22.45
C GLU A 13 -8.60 8.41 -22.87
N TYR A 14 -9.33 7.75 -21.98
CA TYR A 14 -9.87 6.42 -22.23
C TYR A 14 -11.38 6.45 -22.11
N GLY A 15 -12.05 5.72 -23.01
CA GLY A 15 -13.48 5.57 -22.90
C GLY A 15 -13.87 4.64 -21.79
N ASN A 16 -15.13 4.75 -21.36
CA ASN A 16 -15.65 3.88 -20.32
C ASN A 16 -16.07 2.55 -20.90
N ASP A 17 -15.94 1.51 -20.08
CA ASP A 17 -16.41 0.17 -20.43
C ASP A 17 -16.95 -0.49 -19.17
N ASN A 18 -17.36 -1.75 -19.29
CA ASN A 18 -17.92 -2.50 -18.17
C ASN A 18 -16.87 -3.28 -17.40
N ILE A 19 -15.59 -2.95 -17.59
CA ILE A 19 -14.50 -3.64 -16.92
C ILE A 19 -14.11 -2.84 -15.68
N CYS A 20 -13.97 -3.54 -14.57
CA CYS A 20 -13.60 -2.93 -13.30
C CYS A 20 -12.10 -3.15 -13.10
N ARG A 21 -11.34 -2.08 -13.15
CA ARG A 21 -9.89 -2.15 -13.05
C ARG A 21 -9.49 -1.81 -11.62
N VAL A 22 -8.80 -2.75 -10.96
CA VAL A 22 -8.52 -2.69 -9.53
C VAL A 22 -7.01 -2.68 -9.30
N LEU A 23 -6.55 -1.78 -8.44
CA LEU A 23 -5.15 -1.68 -8.08
C LEU A 23 -5.02 -1.98 -6.59
N ALA A 24 -4.10 -2.87 -6.22
CA ALA A 24 -3.91 -3.25 -4.82
C ALA A 24 -2.43 -3.15 -4.46
N LEU A 25 -2.12 -2.32 -3.45
CA LEU A 25 -0.75 -1.99 -3.11
C LEU A 25 -0.41 -2.54 -1.73
N ASP A 26 0.61 -3.40 -1.67
CA ASP A 26 1.06 -3.97 -0.41
C ASP A 26 1.76 -2.92 0.45
N GLY A 27 1.77 -3.17 1.76
CA GLY A 27 2.64 -2.41 2.64
C GLY A 27 4.07 -2.94 2.63
N GLY A 28 5.00 -2.12 3.07
CA GLY A 28 6.36 -2.60 3.18
C GLY A 28 7.40 -1.59 3.66
N GLY A 29 7.07 -0.85 4.71
CA GLY A 29 8.06 0.12 5.16
C GLY A 29 8.32 1.15 4.08
N ALA A 30 9.58 1.56 3.96
CA ALA A 30 9.98 2.51 2.93
C ALA A 30 10.31 1.82 1.61
N LYS A 31 10.02 0.54 1.49
CA LYS A 31 10.42 -0.17 0.28
C LYS A 31 9.44 0.04 -0.86
N GLY A 32 8.43 0.88 -0.66
CA GLY A 32 7.49 1.25 -1.71
C GLY A 32 8.12 2.03 -2.85
N PHE A 33 9.40 2.38 -2.75
CA PHE A 33 10.12 2.86 -3.93
C PHE A 33 10.03 1.85 -5.06
N TYR A 34 10.05 0.56 -4.73
CA TYR A 34 9.79 -0.47 -5.75
C TYR A 34 8.40 -0.29 -6.35
N THR A 35 7.38 -0.20 -5.49
CA THR A 35 6.02 0.00 -5.95
C THR A 35 5.94 1.20 -6.88
N LEU A 36 6.61 2.29 -6.51
CA LEU A 36 6.53 3.51 -7.30
C LEU A 36 7.19 3.34 -8.65
N GLY A 37 8.25 2.53 -8.71
CA GLY A 37 8.88 2.24 -10.00
C GLY A 37 7.96 1.50 -10.96
N VAL A 38 7.22 0.52 -10.44
CA VAL A 38 6.19 -0.16 -11.23
C VAL A 38 5.10 0.82 -11.64
N LEU A 39 4.62 1.63 -10.70
CA LEU A 39 3.50 2.50 -10.99
C LEU A 39 3.88 3.59 -12.00
N LYS A 40 5.12 4.09 -11.93
CA LYS A 40 5.56 5.12 -12.87
C LYS A 40 5.51 4.59 -14.30
N GLU A 41 5.90 3.33 -14.51
CA GLU A 41 5.82 2.75 -15.84
C GLU A 41 4.39 2.49 -16.30
N ILE A 42 3.49 2.10 -15.38
CA ILE A 42 2.10 1.90 -15.76
C ILE A 42 1.47 3.23 -16.15
N GLU A 43 1.77 4.28 -15.38
CA GLU A 43 1.24 5.61 -15.69
C GLU A 43 1.73 6.08 -17.05
N ALA A 44 3.04 5.96 -17.30
CA ALA A 44 3.62 6.42 -18.57
C ALA A 44 3.12 5.58 -19.73
N MET A 45 2.94 4.27 -19.51
CA MET A 45 2.33 3.44 -20.53
C MET A 45 0.94 3.94 -20.90
N LEU A 46 0.13 4.31 -19.90
CA LEU A 46 -1.25 4.69 -20.15
C LEU A 46 -1.38 6.12 -20.67
N GLY A 47 -0.46 7.00 -20.28
CA GLY A 47 -0.55 8.39 -20.64
C GLY A 47 -1.59 9.19 -19.89
N CYS A 48 -2.09 8.69 -18.75
CA CYS A 48 -3.05 9.42 -17.94
C CYS A 48 -2.75 9.18 -16.47
N PRO A 49 -3.17 10.09 -15.58
CA PRO A 49 -3.08 9.78 -14.15
C PRO A 49 -3.82 8.50 -13.83
N LEU A 50 -3.31 7.76 -12.82
CA LEU A 50 -3.85 6.43 -12.58
C LEU A 50 -5.33 6.46 -12.20
N TYR A 51 -5.80 7.53 -11.55
CA TYR A 51 -7.22 7.59 -11.22
C TYR A 51 -8.11 7.68 -12.45
N LYS A 52 -7.56 8.03 -13.61
CA LYS A 52 -8.38 8.09 -14.81
C LYS A 52 -8.56 6.73 -15.48
N ARG A 53 -7.80 5.71 -15.06
CA ARG A 53 -7.93 4.38 -15.64
C ARG A 53 -8.42 3.35 -14.63
N PHE A 54 -8.02 3.44 -13.36
CA PHE A 54 -8.45 2.48 -12.36
C PHE A 54 -9.72 2.93 -11.67
N ASP A 55 -10.62 1.99 -11.41
CA ASP A 55 -11.86 2.25 -10.70
C ASP A 55 -11.66 2.25 -9.19
N LEU A 56 -10.69 1.47 -8.71
CA LEU A 56 -10.59 1.17 -7.29
C LEU A 56 -9.12 0.95 -6.95
N VAL A 57 -8.66 1.55 -5.83
CA VAL A 57 -7.32 1.27 -5.32
C VAL A 57 -7.42 0.93 -3.83
N PHE A 58 -6.78 -0.16 -3.44
CA PHE A 58 -6.63 -0.53 -2.04
C PHE A 58 -5.16 -0.43 -1.66
N GLY A 59 -4.91 -0.06 -0.41
CA GLY A 59 -3.55 -0.03 0.09
C GLY A 59 -3.54 -0.31 1.58
N THR A 60 -2.41 -0.85 2.05
CA THR A 60 -2.20 -1.16 3.46
C THR A 60 -0.86 -0.58 3.91
N SER A 61 -0.84 0.00 5.11
CA SER A 61 0.38 0.55 5.73
C SER A 61 0.98 1.54 4.74
N THR A 62 2.29 1.48 4.44
CA THR A 62 2.84 2.53 3.58
C THR A 62 2.31 2.43 2.16
N GLY A 63 1.76 1.29 1.77
CA GLY A 63 1.01 1.22 0.52
C GLY A 63 -0.27 2.05 0.54
N ALA A 64 -0.83 2.30 1.74
CA ALA A 64 -2.01 3.16 1.87
C ALA A 64 -1.65 4.61 1.61
N ILE A 65 -0.41 5.01 1.91
CA ILE A 65 0.05 6.36 1.56
C ILE A 65 -0.04 6.54 0.05
N ILE A 66 0.49 5.58 -0.69
CA ILE A 66 0.46 5.67 -2.15
C ILE A 66 -0.96 5.58 -2.69
N ALA A 67 -1.74 4.62 -2.17
CA ALA A 67 -3.13 4.48 -2.61
C ALA A 67 -3.90 5.79 -2.43
N ALA A 68 -3.75 6.42 -1.26
CA ALA A 68 -4.52 7.63 -0.99
C ALA A 68 -4.13 8.75 -1.95
N LEU A 69 -2.83 8.91 -2.20
CA LEU A 69 -2.40 9.95 -3.12
C LEU A 69 -2.88 9.68 -4.53
N ILE A 70 -2.87 8.40 -4.95
CA ILE A 70 -3.44 8.06 -6.25
C ILE A 70 -4.90 8.48 -6.33
N ALA A 71 -5.67 8.17 -5.27
CA ALA A 71 -7.11 8.42 -5.30
C ALA A 71 -7.42 9.90 -5.21
N LEU A 72 -6.50 10.70 -4.67
CA LEU A 72 -6.66 12.15 -4.67
C LEU A 72 -6.24 12.78 -5.99
N GLY A 73 -5.75 11.98 -6.94
CA GLY A 73 -5.42 12.48 -8.27
C GLY A 73 -3.96 12.81 -8.53
N TYR A 74 -3.05 12.43 -7.65
CA TYR A 74 -1.63 12.72 -7.84
C TYR A 74 -1.01 11.88 -8.95
N GLU A 75 -0.01 12.46 -9.61
CA GLU A 75 0.81 11.71 -10.56
C GLU A 75 1.99 11.08 -9.83
N VAL A 76 2.52 9.99 -10.41
CA VAL A 76 3.45 9.15 -9.66
C VAL A 76 4.73 9.91 -9.29
N ASP A 77 5.21 10.81 -10.17
CA ASP A 77 6.39 11.60 -9.79
C ASP A 77 6.11 12.46 -8.57
N GLN A 78 4.89 12.98 -8.46
CA GLN A 78 4.52 13.78 -7.28
C GLN A 78 4.46 12.91 -6.04
N ILE A 79 3.86 11.72 -6.17
CA ILE A 79 3.83 10.78 -5.06
C ILE A 79 5.25 10.42 -4.63
N HIS A 80 6.14 10.17 -5.60
CA HIS A 80 7.52 9.84 -5.27
C HIS A 80 8.19 10.95 -4.46
N ALA A 81 7.95 12.22 -4.83
CA ALA A 81 8.55 13.32 -4.08
C ALA A 81 8.04 13.33 -2.65
N LEU A 82 6.73 13.14 -2.46
CA LEU A 82 6.16 13.11 -1.12
C LEU A 82 6.68 11.92 -0.33
N TYR A 83 6.73 10.76 -0.97
CA TYR A 83 7.21 9.54 -0.31
C TYR A 83 8.66 9.71 0.13
N THR A 84 9.52 10.23 -0.75
CA THR A 84 10.94 10.40 -0.41
C THR A 84 11.11 11.35 0.78
N GLU A 85 10.30 12.40 0.85
CA GLU A 85 10.53 13.40 1.89
C GLU A 85 9.92 13.02 3.23
N HIS A 86 9.13 11.95 3.31
CA HIS A 86 8.47 11.68 4.60
C HIS A 86 8.65 10.25 5.08
N VAL A 87 8.61 9.26 4.20
CA VAL A 87 8.55 7.88 4.66
C VAL A 87 9.89 7.41 5.22
N PRO A 88 11.03 7.62 4.54
CA PRO A 88 12.30 7.21 5.17
C PRO A 88 12.53 7.83 6.54
N ARG A 89 12.09 9.07 6.76
CA ARG A 89 12.27 9.68 8.07
C ARG A 89 11.51 8.92 9.15
N VAL A 90 10.30 8.45 8.83
CA VAL A 90 9.56 7.62 9.78
C VAL A 90 10.36 6.37 10.13
N MET A 91 10.80 5.64 9.10
CA MET A 91 11.50 4.39 9.35
C MET A 91 12.84 4.60 10.04
N SER A 92 13.43 5.79 9.92
CA SER A 92 14.70 6.08 10.59
C SER A 92 14.54 6.24 12.10
N SER A 93 13.32 6.41 12.59
CA SER A 93 13.07 6.57 14.02
C SER A 93 13.45 5.30 14.79
N ARG A 94 13.92 5.48 16.02
CA ARG A 94 14.37 4.36 16.83
C ARG A 94 13.75 4.36 18.23
N SER A 95 12.60 5.00 18.39
CA SER A 95 11.88 4.95 19.64
C SER A 95 10.39 4.98 19.33
N ALA A 96 9.57 4.45 20.24
CA ALA A 96 8.13 4.49 20.03
C ALA A 96 7.63 5.93 19.95
N ALA A 97 8.13 6.81 20.80
CA ALA A 97 7.74 8.21 20.74
C ALA A 97 8.14 8.83 19.40
N ALA A 98 9.37 8.56 18.95
CA ALA A 98 9.83 9.18 17.71
C ALA A 98 9.08 8.62 16.51
N ARG A 99 8.91 7.31 16.46
CA ARG A 99 8.15 6.69 15.37
C ARG A 99 6.73 7.25 15.30
N THR A 100 6.06 7.33 16.45
CA THR A 100 4.68 7.77 16.48
C THR A 100 4.55 9.23 16.05
N MET A 101 5.45 10.10 16.51
CA MET A 101 5.37 11.50 16.12
C MET A 101 5.73 11.68 14.65
N ALA A 102 6.74 10.95 14.17
CA ALA A 102 7.11 11.04 12.77
C ALA A 102 5.95 10.64 11.86
N LEU A 103 5.23 9.57 12.22
CA LEU A 103 4.09 9.13 11.42
C LEU A 103 2.95 10.12 11.49
N GLN A 104 2.67 10.67 12.69
CA GLN A 104 1.65 11.70 12.81
C GLN A 104 1.97 12.90 11.94
N ASP A 105 3.26 13.31 11.91
CA ASP A 105 3.67 14.45 11.10
C ASP A 105 3.51 14.15 9.61
N LEU A 106 3.92 12.96 9.18
CA LEU A 106 3.67 12.54 7.80
C LEU A 106 2.19 12.68 7.45
N ALA A 107 1.31 12.09 8.26
CA ALA A 107 -0.11 12.05 7.92
C ALA A 107 -0.68 13.45 7.81
N LYS A 108 -0.38 14.31 8.77
CA LYS A 108 -0.93 15.66 8.74
C LYS A 108 -0.34 16.47 7.59
N GLU A 109 0.96 16.39 7.38
CA GLU A 109 1.62 17.20 6.36
C GLU A 109 1.21 16.78 4.96
N VAL A 110 1.11 15.47 4.71
CA VAL A 110 0.85 14.98 3.36
C VAL A 110 -0.63 15.08 3.02
N PHE A 111 -1.52 14.75 3.95
CA PHE A 111 -2.93 14.70 3.63
C PHE A 111 -3.73 15.86 4.20
N GLN A 112 -3.14 16.64 5.10
CA GLN A 112 -3.83 17.79 5.70
C GLN A 112 -5.24 17.40 6.10
N ASP A 113 -6.25 18.08 5.56
CA ASP A 113 -7.61 17.81 6.00
C ASP A 113 -8.49 17.19 4.92
N LYS A 114 -7.89 16.52 3.93
CA LYS A 114 -8.68 15.80 2.95
C LYS A 114 -9.51 14.70 3.63
N THR A 115 -10.71 14.48 3.11
CA THR A 115 -11.57 13.43 3.63
C THR A 115 -11.88 12.43 2.52
N PHE A 116 -12.63 11.39 2.86
CA PHE A 116 -12.97 10.37 1.89
C PHE A 116 -14.06 10.83 0.91
N GLU A 117 -14.60 12.03 1.11
CA GLU A 117 -15.45 12.65 0.11
C GLU A 117 -14.65 13.42 -0.94
N ASP A 118 -13.33 13.50 -0.78
CA ASP A 118 -12.48 14.24 -1.69
C ASP A 118 -11.80 13.38 -2.74
N VAL A 119 -12.08 12.07 -2.76
CA VAL A 119 -11.35 11.18 -3.66
C VAL A 119 -11.99 11.19 -5.04
N LEU A 120 -11.18 10.86 -6.05
CA LEU A 120 -11.59 10.88 -7.45
C LEU A 120 -11.88 9.48 -8.00
N MET A 121 -11.77 8.45 -7.16
CA MET A 121 -11.97 7.06 -7.55
C MET A 121 -12.29 6.29 -6.29
N GLY A 122 -12.56 4.99 -6.44
CA GLY A 122 -12.78 4.15 -5.27
C GLY A 122 -11.48 3.92 -4.52
N ILE A 123 -11.57 3.93 -3.18
CA ILE A 123 -10.40 3.69 -2.36
C ILE A 123 -10.78 2.83 -1.16
N GLY A 124 -9.87 1.93 -0.78
CA GLY A 124 -9.98 1.20 0.47
C GLY A 124 -8.65 1.22 1.19
N ILE A 125 -8.65 1.55 2.49
CA ILE A 125 -7.43 1.60 3.29
C ILE A 125 -7.64 0.69 4.48
N VAL A 126 -6.71 -0.25 4.69
CA VAL A 126 -6.92 -1.32 5.67
C VAL A 126 -6.15 -1.05 6.95
N ALA A 127 -6.84 -1.14 8.09
CA ALA A 127 -6.18 -1.16 9.39
C ALA A 127 -6.69 -2.37 10.16
N THR A 128 -6.07 -2.65 11.30
CA THR A 128 -6.44 -3.77 12.15
C THR A 128 -7.04 -3.24 13.45
N ARG A 129 -8.23 -3.75 13.80
CA ARG A 129 -8.84 -3.39 15.07
C ARG A 129 -8.15 -4.10 16.23
N TRP A 130 -7.73 -3.34 17.23
CA TRP A 130 -7.00 -3.95 18.35
C TRP A 130 -7.84 -4.95 19.13
N MET A 131 -9.08 -4.57 19.46
CA MET A 131 -9.83 -5.44 20.37
C MET A 131 -10.44 -6.65 19.65
N THR A 132 -11.05 -6.45 18.49
CA THR A 132 -11.65 -7.58 17.79
C THR A 132 -10.65 -8.34 16.94
N GLU A 133 -9.48 -7.76 16.68
CA GLU A 133 -8.41 -8.43 15.92
C GLU A 133 -8.83 -8.70 14.48
N ARG A 134 -9.69 -7.86 13.94
CA ARG A 134 -10.28 -7.97 12.62
C ARG A 134 -10.06 -6.68 11.83
N PRO A 135 -10.13 -6.72 10.51
CA PRO A 135 -9.84 -5.51 9.74
C PRO A 135 -10.90 -4.42 9.93
N MET A 136 -10.45 -3.18 9.80
CA MET A 136 -11.31 -2.02 9.63
C MET A 136 -10.87 -1.36 8.32
N ILE A 137 -11.79 -1.28 7.37
CA ILE A 137 -11.46 -0.82 6.03
C ILE A 137 -12.15 0.53 5.79
N PHE A 138 -11.34 1.56 5.62
CA PHE A 138 -11.85 2.90 5.33
C PHE A 138 -12.08 3.01 3.83
N LYS A 139 -13.31 3.36 3.43
CA LYS A 139 -13.67 3.38 2.01
C LYS A 139 -14.20 4.74 1.60
N GLY A 140 -13.95 5.08 0.33
CA GLY A 140 -14.58 6.23 -0.29
C GLY A 140 -14.77 5.94 -1.78
N ASN A 141 -15.67 6.71 -2.40
CA ASN A 141 -15.96 6.55 -3.82
C ASN A 141 -16.35 7.91 -4.40
N VAL A 142 -16.78 7.89 -5.66
CA VAL A 142 -17.29 9.07 -6.35
C VAL A 142 -16.18 10.10 -6.53
N SER A 153 -21.40 6.11 5.52
CA SER A 153 -20.65 7.35 5.67
C SER A 153 -19.18 7.11 5.31
N PRO A 154 -18.70 7.86 4.31
CA PRO A 154 -17.37 7.55 3.72
C PRO A 154 -16.26 7.61 4.75
N GLY A 155 -15.45 6.54 4.77
CA GLY A 155 -14.35 6.46 5.70
C GLY A 155 -14.77 6.49 7.15
N PHE A 156 -16.01 6.12 7.47
CA PHE A 156 -16.54 6.21 8.82
C PHE A 156 -16.50 7.64 9.36
N GLY A 157 -16.42 8.64 8.47
CA GLY A 157 -16.29 10.02 8.87
C GLY A 157 -14.90 10.45 9.27
N VAL A 158 -13.90 9.59 9.09
CA VAL A 158 -12.54 9.85 9.52
C VAL A 158 -11.76 10.51 8.40
N SER A 159 -10.82 11.39 8.74
CA SER A 159 -9.99 12.03 7.72
C SER A 159 -9.08 11.00 7.06
N ILE A 160 -8.58 11.34 5.86
CA ILE A 160 -7.62 10.47 5.21
C ILE A 160 -6.35 10.36 6.04
N ALA A 161 -5.91 11.49 6.62
CA ALA A 161 -4.71 11.48 7.44
C ALA A 161 -4.82 10.48 8.59
N ASP A 162 -5.96 10.48 9.30
CA ASP A 162 -6.15 9.56 10.42
C ASP A 162 -6.23 8.11 9.93
N ALA A 163 -6.85 7.88 8.77
CA ALA A 163 -6.98 6.51 8.26
C ALA A 163 -5.63 5.97 7.82
N VAL A 164 -4.85 6.77 7.09
CA VAL A 164 -3.50 6.35 6.71
C VAL A 164 -2.62 6.17 7.94
N GLN A 165 -2.72 7.08 8.90
CA GLN A 165 -1.96 6.92 10.14
C GLN A 165 -2.29 5.59 10.81
N ALA A 166 -3.58 5.28 10.94
CA ALA A 166 -3.99 4.01 11.53
C ALA A 166 -3.43 2.84 10.75
N SER A 167 -3.48 2.93 9.41
CA SER A 167 -3.03 1.84 8.56
C SER A 167 -1.55 1.55 8.76
N CYS A 168 -0.79 2.55 9.19
CA CYS A 168 0.66 2.49 9.37
C CYS A 168 1.10 2.30 10.82
N SER A 169 0.19 2.20 11.79
CA SER A 169 0.58 2.25 13.21
C SER A 169 1.04 0.87 13.68
N ALA A 170 2.32 0.58 13.44
CA ALA A 170 2.85 -0.77 13.65
C ALA A 170 3.25 -1.00 15.12
N TYR A 171 2.25 -0.91 15.99
CA TYR A 171 2.39 -1.45 17.33
C TYR A 171 2.91 -2.87 17.27
N PRO A 172 3.86 -3.26 18.14
CA PRO A 172 4.31 -2.61 19.37
C PRO A 172 5.38 -1.54 19.23
N PHE A 173 5.75 -1.17 18.00
CA PHE A 173 6.80 -0.19 17.81
C PHE A 173 6.28 1.22 17.58
N PHE A 174 5.03 1.36 17.17
CA PHE A 174 4.30 2.63 17.16
C PHE A 174 3.16 2.54 18.16
N GLU A 175 2.65 3.69 18.62
CA GLU A 175 1.46 3.63 19.46
C GLU A 175 0.26 3.25 18.62
N ARG A 176 -0.71 2.62 19.27
CA ARG A 176 -1.99 2.37 18.62
C ARG A 176 -2.68 3.69 18.31
N LYS A 177 -3.49 3.70 17.27
CA LYS A 177 -4.16 4.91 16.80
C LYS A 177 -5.62 4.85 17.21
N VAL A 178 -6.07 5.86 17.96
CA VAL A 178 -7.45 5.93 18.40
C VAL A 178 -8.23 6.80 17.43
N ILE A 179 -9.35 6.29 16.91
CA ILE A 179 -10.25 7.09 16.10
C ILE A 179 -11.66 6.99 16.67
N VAL A 180 -12.47 8.01 16.36
CA VAL A 180 -13.89 8.03 16.68
C VAL A 180 -14.64 8.16 15.37
N THR A 181 -15.53 7.22 15.09
CA THR A 181 -16.31 7.26 13.86
C THR A 181 -17.39 8.32 13.97
N ALA A 182 -18.02 8.61 12.82
CA ALA A 182 -19.13 9.55 12.78
C ALA A 182 -20.29 9.08 13.64
N ALA A 183 -20.53 7.77 13.72
CA ALA A 183 -21.55 7.22 14.59
C ALA A 183 -21.18 7.29 16.06
N GLY A 184 -19.98 7.75 16.39
CA GLY A 184 -19.56 7.95 17.76
C GLY A 184 -18.82 6.79 18.39
N ASP A 185 -18.44 5.78 17.63
CA ASP A 185 -17.74 4.62 18.18
C ASP A 185 -16.24 4.88 18.23
N LYS A 186 -15.64 4.62 19.38
CA LYS A 186 -14.20 4.76 19.55
C LYS A 186 -13.53 3.41 19.34
N VAL A 187 -12.55 3.35 18.43
CA VAL A 187 -11.85 2.11 18.13
C VAL A 187 -10.36 2.38 18.15
N GLU A 188 -9.60 1.45 18.73
CA GLU A 188 -8.15 1.47 18.69
C GLU A 188 -7.68 0.62 17.52
N LEU A 189 -6.77 1.18 16.72
CA LEU A 189 -6.34 0.55 15.48
C LEU A 189 -4.83 0.41 15.43
N ILE A 190 -4.37 -0.67 14.80
CA ILE A 190 -2.94 -0.83 14.52
C ILE A 190 -2.77 -1.12 13.03
N ASP A 191 -1.50 -1.20 12.62
CA ASP A 191 -1.11 -1.38 11.22
C ASP A 191 -1.94 -2.45 10.53
N GLY A 192 -2.41 -2.15 9.31
CA GLY A 192 -3.23 -3.12 8.61
C GLY A 192 -2.47 -4.31 8.08
N GLY A 193 -1.14 -4.25 8.09
CA GLY A 193 -0.35 -5.37 7.60
C GLY A 193 -0.52 -6.63 8.41
N TYR A 194 -1.01 -6.51 9.66
CA TYR A 194 -1.25 -7.69 10.48
C TYR A 194 -2.42 -8.52 9.96
N CYS A 195 -3.36 -7.93 9.25
CA CYS A 195 -4.46 -8.71 8.69
C CYS A 195 -4.49 -8.71 7.18
N ALA A 196 -3.88 -7.74 6.52
CA ALA A 196 -3.98 -7.71 5.07
C ALA A 196 -2.89 -6.86 4.47
N ASN A 197 -1.62 -7.20 4.76
CA ASN A 197 -0.54 -6.44 4.14
C ASN A 197 -0.65 -6.45 2.62
N ASN A 198 -1.11 -7.57 2.06
CA ASN A 198 -1.54 -7.68 0.68
C ASN A 198 -3.05 -7.51 0.68
N PRO A 199 -3.58 -6.36 0.29
CA PRO A 199 -5.02 -6.11 0.44
C PRO A 199 -5.89 -6.64 -0.69
N THR A 200 -5.33 -7.49 -1.57
CA THR A 200 -6.01 -7.80 -2.83
C THR A 200 -7.35 -8.50 -2.61
N LEU A 201 -7.41 -9.41 -1.64
CA LEU A 201 -8.67 -10.14 -1.45
C LEU A 201 -9.77 -9.21 -0.96
N PHE A 202 -9.41 -8.23 -0.13
CA PHE A 202 -10.41 -7.26 0.29
C PHE A 202 -10.82 -6.35 -0.86
N ALA A 203 -9.90 -6.07 -1.78
CA ALA A 203 -10.28 -5.32 -2.98
C ALA A 203 -11.21 -6.14 -3.87
N ILE A 204 -10.91 -7.44 -4.02
CA ILE A 204 -11.79 -8.29 -4.82
C ILE A 204 -13.17 -8.40 -4.17
N ALA A 205 -13.22 -8.47 -2.83
CA ALA A 205 -14.52 -8.51 -2.17
C ALA A 205 -15.31 -7.24 -2.48
N ASP A 206 -14.63 -6.10 -2.50
CA ASP A 206 -15.29 -4.84 -2.80
C ASP A 206 -15.82 -4.83 -4.23
N ALA A 207 -15.02 -5.32 -5.18
CA ALA A 207 -15.47 -5.33 -6.57
C ALA A 207 -16.61 -6.32 -6.80
N THR A 208 -16.59 -7.47 -6.13
CA THR A 208 -17.61 -8.49 -6.34
C THR A 208 -18.84 -8.31 -5.47
N VAL A 209 -18.67 -7.91 -4.20
CA VAL A 209 -19.77 -7.93 -3.25
C VAL A 209 -20.47 -6.57 -3.19
N ALA A 210 -19.72 -5.47 -3.31
CA ALA A 210 -20.31 -4.13 -3.29
C ALA A 210 -20.61 -3.62 -4.69
N LEU A 211 -19.59 -3.59 -5.57
CA LEU A 211 -19.77 -3.12 -6.93
C LEU A 211 -20.45 -4.15 -7.83
N LYS A 212 -20.76 -5.33 -7.30
CA LYS A 212 -21.48 -6.39 -8.01
C LYS A 212 -20.96 -6.60 -9.43
N LYS A 213 -19.65 -6.75 -9.55
CA LYS A 213 -19.04 -7.04 -10.84
C LYS A 213 -18.86 -8.54 -11.01
N ASP A 214 -19.09 -9.02 -12.22
CA ASP A 214 -18.80 -10.42 -12.53
C ASP A 214 -17.29 -10.63 -12.64
N HIS A 215 -16.86 -11.84 -12.24
CA HIS A 215 -15.43 -12.12 -12.19
C HIS A 215 -14.76 -11.87 -13.53
N LYS A 216 -15.43 -12.22 -14.63
CA LYS A 216 -14.89 -12.00 -15.97
C LYS A 216 -14.63 -10.53 -16.27
N ASP A 217 -15.33 -9.62 -15.59
CA ASP A 217 -15.26 -8.19 -15.89
C ASP A 217 -14.29 -7.45 -14.97
N ILE A 218 -13.44 -8.16 -14.24
CA ILE A 218 -12.52 -7.55 -13.27
C ILE A 218 -11.10 -7.75 -13.75
N ARG A 219 -10.26 -6.71 -13.58
CA ARG A 219 -8.83 -6.78 -13.83
C ARG A 219 -8.10 -6.28 -12.60
N VAL A 220 -7.25 -7.13 -12.02
CA VAL A 220 -6.56 -6.80 -10.77
C VAL A 220 -5.07 -6.69 -11.03
N ILE A 221 -4.49 -5.56 -10.64
CA ILE A 221 -3.03 -5.37 -10.60
C ILE A 221 -2.66 -5.22 -9.13
N ASN A 222 -1.87 -6.17 -8.63
CA ASN A 222 -1.40 -6.17 -7.25
C ASN A 222 0.09 -5.91 -7.30
N VAL A 223 0.52 -4.74 -6.82
CA VAL A 223 1.93 -4.39 -6.80
C VAL A 223 2.44 -4.50 -5.37
N GLY A 224 3.49 -5.28 -5.19
CA GLY A 224 4.14 -5.41 -3.90
C GLY A 224 5.29 -4.45 -3.77
N VAL A 225 6.19 -4.75 -2.83
CA VAL A 225 7.43 -4.00 -2.65
C VAL A 225 8.65 -4.81 -3.05
N GLY A 226 8.47 -6.02 -3.56
CA GLY A 226 9.59 -6.86 -3.91
C GLY A 226 10.05 -7.70 -2.72
N ILE A 227 10.97 -8.63 -3.02
CA ILE A 227 11.54 -9.55 -2.04
C ILE A 227 13.05 -9.51 -2.16
N TYR A 228 13.74 -9.39 -1.02
CA TYR A 228 15.17 -9.12 -0.98
C TYR A 228 15.79 -10.06 0.06
N PRO A 229 17.12 -10.18 0.12
CA PRO A 229 17.71 -11.11 1.09
C PRO A 229 17.29 -10.81 2.53
N GLU A 230 16.93 -11.88 3.24
CA GLU A 230 16.51 -11.79 4.64
C GLU A 230 17.66 -11.29 5.50
N PRO A 231 17.48 -10.24 6.30
CA PRO A 231 18.56 -9.81 7.21
C PRO A 231 18.78 -10.83 8.31
N LYS A 232 20.05 -11.08 8.61
CA LYS A 232 20.47 -12.11 9.55
C LYS A 232 20.55 -11.56 10.96
N PRO A 233 20.55 -12.43 11.98
CA PRO A 233 20.63 -11.92 13.36
C PRO A 233 21.85 -11.06 13.63
N GLY A 234 23.01 -11.40 13.04
CA GLY A 234 24.20 -10.60 13.26
C GLY A 234 24.01 -9.14 12.90
N LEU A 235 23.37 -8.88 11.76
CA LEU A 235 23.12 -7.51 11.34
C LEU A 235 22.05 -6.86 12.21
N LEU A 236 20.93 -7.56 12.46
CA LEU A 236 19.84 -6.95 13.22
C LEU A 236 20.28 -6.62 14.64
N MET A 237 21.16 -7.46 15.21
CA MET A 237 21.66 -7.23 16.56
C MET A 237 22.42 -5.91 16.68
N ARG A 238 22.97 -5.42 15.57
CA ARG A 238 23.69 -4.15 15.58
C ARG A 238 22.77 -2.95 15.49
N ILE A 239 21.49 -3.14 15.15
CA ILE A 239 20.63 -1.99 14.90
C ILE A 239 19.33 -2.08 15.68
N ALA A 240 19.19 -3.08 16.53
CA ALA A 240 17.93 -3.29 17.25
C ALA A 240 18.15 -4.19 18.45
N LYS A 241 17.74 -3.72 19.62
CA LYS A 241 17.99 -4.51 20.82
C LYS A 241 17.08 -5.73 20.89
N LYS A 242 15.87 -5.65 20.35
CA LYS A 242 14.95 -6.79 20.32
C LYS A 242 14.90 -7.36 18.90
N TRP A 243 16.05 -7.89 18.49
CA TRP A 243 16.23 -8.32 17.10
C TRP A 243 15.34 -9.50 16.73
N LEU A 244 15.02 -10.37 17.69
CA LEU A 244 14.18 -11.52 17.36
C LEU A 244 12.76 -11.08 17.07
N ALA A 245 12.22 -10.16 17.88
CA ALA A 245 10.91 -9.60 17.57
C ALA A 245 10.91 -8.90 16.23
N VAL A 246 11.98 -8.16 15.94
CA VAL A 246 12.08 -7.48 14.65
C VAL A 246 12.09 -8.48 13.50
N GLN A 247 12.85 -9.56 13.65
CA GLN A 247 12.90 -10.56 12.57
C GLN A 247 11.57 -11.29 12.42
N LEU A 248 10.93 -11.61 13.54
CA LEU A 248 9.64 -12.28 13.52
C LEU A 248 8.57 -11.41 12.85
N LEU A 249 8.55 -10.12 13.19
CA LEU A 249 7.60 -9.21 12.55
C LEU A 249 7.75 -9.26 11.03
N GLN A 250 8.99 -9.17 10.54
CA GLN A 250 9.21 -9.15 9.10
C GLN A 250 8.80 -10.47 8.45
N LYS A 251 9.19 -11.60 9.05
CA LYS A 251 8.87 -12.88 8.41
C LYS A 251 7.37 -13.14 8.41
N THR A 252 6.67 -12.83 9.51
CA THR A 252 5.24 -13.04 9.52
C THR A 252 4.54 -12.14 8.50
N LEU A 253 5.03 -10.91 8.34
CA LEU A 253 4.49 -9.99 7.34
C LEU A 253 4.66 -10.55 5.93
N GLU A 254 5.83 -11.10 5.64
CA GLU A 254 6.06 -11.69 4.32
C GLU A 254 5.16 -12.88 4.08
N ILE A 255 5.00 -13.74 5.09
CA ILE A 255 4.12 -14.90 4.92
C ILE A 255 2.69 -14.45 4.68
N ASN A 256 2.21 -13.46 5.44
CA ASN A 256 0.83 -13.03 5.20
C ASN A 256 0.68 -12.46 3.80
N THR A 257 1.71 -11.77 3.30
CA THR A 257 1.66 -11.19 1.96
C THR A 257 1.60 -12.28 0.89
N GLN A 258 2.49 -13.26 0.98
CA GLN A 258 2.54 -14.31 -0.04
C GLN A 258 1.36 -15.27 0.08
N SER A 259 1.02 -15.66 1.31
CA SER A 259 -0.08 -16.61 1.48
C SER A 259 -1.42 -16.01 1.08
N MET A 260 -1.62 -14.70 1.32
CA MET A 260 -2.81 -14.04 0.80
C MET A 260 -2.88 -14.16 -0.72
N ASP A 261 -1.75 -14.01 -1.39
CA ASP A 261 -1.74 -14.19 -2.85
C ASP A 261 -2.12 -15.61 -3.23
N GLN A 262 -1.61 -16.61 -2.51
CA GLN A 262 -1.94 -17.99 -2.82
C GLN A 262 -3.41 -18.27 -2.57
N LEU A 263 -3.96 -17.73 -1.48
CA LEU A 263 -5.38 -17.93 -1.19
C LEU A 263 -6.23 -17.32 -2.30
N ARG A 264 -5.85 -16.14 -2.78
CA ARG A 264 -6.53 -15.54 -3.92
C ARG A 264 -6.52 -16.48 -5.13
N ASP A 265 -5.35 -17.04 -5.45
CA ASP A 265 -5.26 -17.89 -6.63
C ASP A 265 -6.10 -19.15 -6.48
N ILE A 266 -6.27 -19.63 -5.24
CA ILE A 266 -7.11 -20.80 -5.01
C ILE A 266 -8.59 -20.45 -5.19
N LEU A 267 -9.04 -19.35 -4.60
CA LEU A 267 -10.47 -19.03 -4.53
C LEU A 267 -11.00 -18.28 -5.75
N PHE A 268 -10.12 -17.60 -6.49
CA PHE A 268 -10.58 -16.73 -7.58
C PHE A 268 -9.73 -16.96 -8.82
N LYS A 269 -9.65 -18.23 -9.23
CA LYS A 269 -8.97 -18.59 -10.47
C LYS A 269 -9.43 -17.73 -11.64
N ASP A 270 -10.71 -17.37 -11.67
CA ASP A 270 -11.35 -16.77 -12.83
C ASP A 270 -11.43 -15.24 -12.75
N ILE A 271 -10.68 -14.62 -11.85
CA ILE A 271 -10.54 -13.16 -11.83
C ILE A 271 -9.17 -12.83 -12.39
N PRO A 272 -9.07 -12.25 -13.58
CA PRO A 272 -7.76 -11.95 -14.18
C PRO A 272 -6.94 -11.05 -13.25
N THR A 273 -5.73 -11.51 -12.93
CA THR A 273 -4.90 -10.85 -11.92
C THR A 273 -3.43 -10.94 -12.31
N ILE A 274 -2.73 -9.82 -12.12
CA ILE A 274 -1.27 -9.76 -12.25
C ILE A 274 -0.72 -9.28 -10.93
N ARG A 275 0.17 -10.08 -10.32
CA ARG A 275 0.90 -9.65 -9.13
C ARG A 275 2.35 -9.37 -9.51
N ILE A 276 2.84 -8.21 -9.12
CA ILE A 276 4.17 -7.75 -9.45
C ILE A 276 4.91 -7.53 -8.14
N SER A 277 5.71 -8.51 -7.72
CA SER A 277 6.59 -8.39 -6.57
C SER A 277 7.73 -9.40 -6.71
N ASP A 278 8.75 -9.04 -7.45
CA ASP A 278 9.79 -10.01 -7.81
C ASP A 278 10.87 -10.12 -6.73
N THR A 279 11.70 -11.15 -6.87
CA THR A 279 12.78 -11.43 -5.94
C THR A 279 14.11 -10.95 -6.52
N PHE A 280 14.91 -10.31 -5.67
CA PHE A 280 16.20 -9.76 -6.05
C PHE A 280 17.24 -10.19 -5.02
N GLU A 281 18.50 -10.21 -5.45
CA GLU A 281 19.59 -10.54 -4.55
C GLU A 281 20.24 -9.31 -3.94
N ARG A 282 19.95 -8.12 -4.44
CA ARG A 282 20.39 -6.87 -3.86
C ARG A 282 19.24 -5.88 -3.99
N PRO A 283 19.20 -4.83 -3.15
CA PRO A 283 20.14 -4.51 -2.07
C PRO A 283 19.95 -5.38 -0.83
N GLU A 284 21.01 -5.52 -0.03
CA GLU A 284 20.90 -6.09 1.31
C GLU A 284 20.40 -4.99 2.24
N MET A 285 19.27 -5.22 2.87
CA MET A 285 18.61 -4.19 3.66
C MET A 285 18.25 -4.76 5.02
N ALA A 286 17.95 -3.85 5.95
CA ALA A 286 17.31 -4.24 7.18
C ALA A 286 15.86 -4.61 6.91
N THR A 287 15.11 -4.89 7.97
CA THR A 287 13.69 -5.19 7.80
C THR A 287 12.92 -3.94 7.35
N ASP A 288 11.65 -4.16 6.96
CA ASP A 288 10.78 -3.05 6.55
C ASP A 288 10.68 -1.99 7.65
N LEU A 289 10.63 -2.43 8.91
CA LEU A 289 10.47 -1.49 10.01
C LEU A 289 11.66 -0.53 10.11
N LEU A 290 12.87 -1.00 9.76
CA LEU A 290 14.09 -0.30 10.11
C LEU A 290 14.81 0.36 8.96
N GLU A 291 14.59 -0.08 7.71
CA GLU A 291 15.44 0.37 6.60
C GLU A 291 15.07 1.79 6.17
N TYR A 292 16.07 2.68 6.17
CA TYR A 292 15.83 4.06 5.72
C TYR A 292 16.94 4.59 4.83
N ASN A 293 17.91 3.78 4.42
CA ASN A 293 19.05 4.25 3.63
C ASN A 293 18.57 4.61 2.23
N LEU A 294 18.54 5.91 1.92
CA LEU A 294 17.98 6.36 0.66
C LEU A 294 18.79 5.85 -0.53
N ASP A 295 20.09 5.66 -0.35
CA ASP A 295 20.90 5.08 -1.43
C ASP A 295 20.38 3.71 -1.82
N LYS A 296 20.27 2.79 -0.85
CA LYS A 296 19.69 1.48 -1.12
C LYS A 296 18.26 1.59 -1.65
N LEU A 297 17.41 2.35 -0.94
CA LEU A 297 16.00 2.41 -1.31
C LEU A 297 15.78 2.99 -2.71
N ASN A 298 16.61 3.94 -3.14
CA ASN A 298 16.44 4.52 -4.46
C ASN A 298 16.69 3.48 -5.54
N THR A 299 17.58 2.51 -5.28
CA THR A 299 17.80 1.46 -6.28
C THR A 299 16.56 0.59 -6.47
N LEU A 300 15.60 0.60 -5.54
CA LEU A 300 14.39 -0.19 -5.73
C LEU A 300 13.50 0.33 -6.84
N ARG A 301 13.59 1.62 -7.17
CA ARG A 301 12.82 2.16 -8.27
C ARG A 301 13.20 1.49 -9.58
N GLN A 302 14.50 1.29 -9.80
CA GLN A 302 14.93 0.62 -11.02
C GLN A 302 14.47 -0.83 -11.03
N ARG A 303 14.50 -1.49 -9.86
CA ARG A 303 14.00 -2.86 -9.79
C ARG A 303 12.51 -2.92 -10.13
N GLY A 304 11.73 -1.94 -9.66
CA GLY A 304 10.32 -1.93 -10.02
C GLY A 304 10.11 -1.72 -11.50
N ARG A 305 10.93 -0.84 -12.11
CA ARG A 305 10.84 -0.63 -13.54
C ARG A 305 11.13 -1.91 -14.31
N GLU A 306 12.13 -2.66 -13.85
CA GLU A 306 12.45 -3.95 -14.49
C GLU A 306 11.32 -4.95 -14.33
N SER A 307 10.70 -4.99 -13.15
CA SER A 307 9.56 -5.87 -12.97
C SER A 307 8.40 -5.51 -13.89
N PHE A 308 8.17 -4.22 -14.13
CA PHE A 308 7.17 -3.83 -15.12
C PHE A 308 7.56 -4.35 -16.50
N GLY A 309 8.83 -4.16 -16.86
CA GLY A 309 9.28 -4.54 -18.19
C GLY A 309 9.09 -6.01 -18.49
N ALA A 310 9.17 -6.85 -17.48
CA ALA A 310 8.97 -8.29 -17.67
C ALA A 310 7.50 -8.65 -17.84
N ARG A 311 6.59 -7.71 -17.62
CA ARG A 311 5.17 -7.96 -17.71
C ARG A 311 4.45 -6.99 -18.65
N GLU A 312 5.20 -6.21 -19.42
CA GLU A 312 4.60 -5.09 -20.13
C GLU A 312 3.57 -5.54 -21.15
N ALA A 313 3.79 -6.69 -21.81
CA ALA A 313 2.84 -7.10 -22.83
C ALA A 313 1.48 -7.46 -22.21
N GLN A 314 1.50 -8.18 -21.08
CA GLN A 314 0.24 -8.54 -20.41
C GLN A 314 -0.41 -7.33 -19.78
N LEU A 315 0.40 -6.42 -19.22
CA LEU A 315 -0.16 -5.21 -18.61
C LEU A 315 -0.84 -4.34 -19.67
N ARG A 316 -0.26 -4.28 -20.88
CA ARG A 316 -0.91 -3.58 -21.98
C ARG A 316 -2.27 -4.16 -22.28
N GLU A 317 -2.35 -5.49 -22.34
CA GLU A 317 -3.62 -6.12 -22.70
C GLU A 317 -4.63 -6.02 -21.55
N PHE A 318 -4.14 -5.94 -20.31
CA PHE A 318 -5.02 -5.76 -19.15
C PHE A 318 -5.59 -4.36 -19.09
N LEU A 319 -4.72 -3.36 -19.15
CA LEU A 319 -5.14 -1.97 -19.22
C LEU A 319 -5.35 -1.67 -20.70
N ILE A 320 -5.42 -0.41 -21.10
CA ILE A 320 -5.65 -0.09 -22.52
C ILE A 320 -6.82 -0.88 -23.10
#